data_1IGO
#
_entry.id   1IGO
#
_cell.length_a   49.190
_cell.length_b   52.540
_cell.length_c   65.410
_cell.angle_alpha   90.00
_cell.angle_beta   97.83
_cell.angle_gamma   90.00
#
_symmetry.space_group_name_H-M   'P 1 21 1'
#
loop_
_entity.id
_entity.type
_entity.pdbx_description
1 polymer 'family 11 xylanase'
2 non-polymer 'SULFATE ION'
3 water water
#
_entity_poly.entity_id   1
_entity_poly.type   'polypeptide(L)'
_entity_poly.pdbx_seq_one_letter_code
;ATTITSNQTGTHDGYDYELWKDSGNTSMTLNSGGAFSAQWSNIGNALFRKGKKFDSTKTHSQLGNISINYNATFNPGGNS
YLCVYGWTKDPLTEYYIVDNWGTYRPTGTPKGTFTVDGGTYDIYETTRINQPSIIGIATFKQYWSVRQTKRTSGTVSVSE
HFKKWESLGMPMGKMYETALTVEGYQSNGSANVTANVLTIGGKPL
;
_entity_poly.pdbx_strand_id   A,B
#
loop_
_chem_comp.id
_chem_comp.type
_chem_comp.name
_chem_comp.formula
SO4 non-polymer 'SULFATE ION' 'O4 S -2'
#
# COMPACT_ATOMS: atom_id res chain seq x y z
N ALA A 1 -20.12 -4.93 -24.96
CA ALA A 1 -20.09 -5.58 -26.31
C ALA A 1 -19.10 -6.73 -26.32
N THR A 2 -17.80 -6.43 -26.37
CA THR A 2 -16.81 -7.49 -26.37
C THR A 2 -16.11 -7.50 -25.02
N THR A 3 -15.91 -8.71 -24.49
CA THR A 3 -15.26 -8.89 -23.21
C THR A 3 -13.94 -9.61 -23.38
N ILE A 4 -12.89 -9.07 -22.78
CA ILE A 4 -11.58 -9.68 -22.86
C ILE A 4 -11.10 -10.03 -21.46
N THR A 5 -10.15 -10.98 -21.38
CA THR A 5 -9.66 -11.41 -20.08
C THR A 5 -8.14 -11.47 -19.96
N SER A 6 -7.44 -11.20 -21.05
CA SER A 6 -5.98 -11.25 -21.02
C SER A 6 -5.40 -10.04 -21.73
N ASN A 7 -4.13 -9.76 -21.49
CA ASN A 7 -3.45 -8.62 -22.08
C ASN A 7 -3.82 -8.35 -23.54
N GLN A 8 -4.32 -7.16 -23.81
CA GLN A 8 -4.69 -6.82 -25.18
C GLN A 8 -4.86 -5.33 -25.37
N THR A 9 -4.35 -4.84 -26.50
CA THR A 9 -4.46 -3.44 -26.85
C THR A 9 -5.09 -3.33 -28.23
N GLY A 10 -5.88 -2.29 -28.45
CA GLY A 10 -6.52 -2.10 -29.73
C GLY A 10 -7.32 -0.82 -29.74
N THR A 11 -8.23 -0.72 -30.70
CA THR A 11 -9.09 0.45 -30.81
C THR A 11 -10.52 -0.04 -30.89
N HIS A 12 -11.37 0.47 -30.02
CA HIS A 12 -12.76 0.07 -29.97
C HIS A 12 -13.66 1.30 -30.01
N ASP A 13 -14.48 1.37 -31.04
CA ASP A 13 -15.42 2.46 -31.23
C ASP A 13 -14.73 3.81 -31.12
N GLY A 14 -13.58 3.93 -31.77
CA GLY A 14 -12.84 5.18 -31.76
C GLY A 14 -11.84 5.37 -30.63
N TYR A 15 -11.99 4.60 -29.55
CA TYR A 15 -11.09 4.74 -28.41
C TYR A 15 -10.01 3.68 -28.32
N ASP A 16 -8.81 4.10 -27.95
CA ASP A 16 -7.71 3.16 -27.80
C ASP A 16 -7.89 2.52 -26.43
N TYR A 17 -8.04 1.21 -26.43
CA TYR A 17 -8.25 0.49 -25.19
C TYR A 17 -7.09 -0.43 -24.90
N GLU A 18 -6.96 -0.80 -23.64
CA GLU A 18 -5.94 -1.73 -23.23
C GLU A 18 -6.25 -2.37 -21.88
N LEU A 19 -6.00 -3.67 -21.82
CA LEU A 19 -6.18 -4.42 -20.59
C LEU A 19 -4.78 -4.94 -20.35
N TRP A 20 -4.21 -4.60 -19.20
CA TRP A 20 -2.88 -5.07 -18.87
C TRP A 20 -2.82 -5.54 -17.43
N LYS A 21 -2.05 -6.60 -17.21
CA LYS A 21 -1.88 -7.16 -15.88
C LYS A 21 -0.62 -7.97 -15.95
N ASP A 22 0.13 -8.01 -14.86
CA ASP A 22 1.34 -8.80 -14.87
C ASP A 22 0.89 -10.23 -14.54
N SER A 23 -0.26 -10.34 -13.87
CA SER A 23 -0.80 -11.65 -13.46
C SER A 23 -2.13 -11.51 -12.72
N GLY A 24 -2.96 -12.54 -12.73
CA GLY A 24 -4.23 -12.49 -12.02
C GLY A 24 -5.47 -12.55 -12.88
N ASN A 25 -6.64 -12.58 -12.24
CA ASN A 25 -7.90 -12.63 -12.95
C ASN A 25 -8.35 -11.23 -13.33
N THR A 26 -8.57 -11.02 -14.62
CA THR A 26 -8.98 -9.72 -15.11
C THR A 26 -10.04 -9.85 -16.19
N SER A 27 -11.07 -9.01 -16.10
CA SER A 27 -12.12 -9.03 -17.09
C SER A 27 -12.40 -7.59 -17.47
N MET A 28 -12.48 -7.34 -18.76
CA MET A 28 -12.74 -6.00 -19.24
C MET A 28 -13.79 -6.06 -20.33
N THR A 29 -14.85 -5.27 -20.18
CA THR A 29 -15.90 -5.24 -21.18
C THR A 29 -15.82 -3.89 -21.90
N LEU A 30 -15.67 -3.96 -23.23
CA LEU A 30 -15.56 -2.77 -24.06
C LEU A 30 -16.94 -2.32 -24.52
N ASN A 31 -17.34 -1.13 -24.10
CA ASN A 31 -18.64 -0.56 -24.45
C ASN A 31 -18.51 0.61 -25.42
N SER A 32 -19.61 1.27 -25.73
CA SER A 32 -19.63 2.38 -26.68
C SER A 32 -18.70 3.55 -26.31
N GLY A 33 -18.10 4.15 -27.33
CA GLY A 33 -17.19 5.27 -27.11
C GLY A 33 -16.05 4.93 -26.17
N GLY A 34 -15.87 5.77 -25.15
CA GLY A 34 -14.79 5.53 -24.20
C GLY A 34 -15.27 4.70 -23.03
N ALA A 35 -16.50 4.20 -23.11
CA ALA A 35 -17.06 3.41 -22.03
C ALA A 35 -16.49 2.00 -21.95
N PHE A 36 -16.28 1.53 -20.73
CA PHE A 36 -15.77 0.20 -20.49
C PHE A 36 -16.00 -0.15 -19.02
N SER A 37 -15.93 -1.44 -18.71
CA SER A 37 -16.11 -1.87 -17.34
C SER A 37 -15.00 -2.87 -17.06
N ALA A 38 -14.80 -3.19 -15.78
CA ALA A 38 -13.75 -4.14 -15.44
C ALA A 38 -13.87 -4.67 -14.03
N GLN A 39 -13.31 -5.85 -13.82
CA GLN A 39 -13.29 -6.50 -12.51
C GLN A 39 -11.99 -7.27 -12.47
N TRP A 40 -11.37 -7.33 -11.31
CA TRP A 40 -10.10 -8.03 -11.17
C TRP A 40 -9.95 -8.56 -9.75
N SER A 41 -9.15 -9.63 -9.61
CA SER A 41 -8.89 -10.25 -8.32
C SER A 41 -7.64 -11.10 -8.45
N ASN A 42 -7.00 -11.41 -7.32
CA ASN A 42 -5.78 -12.19 -7.29
C ASN A 42 -4.79 -11.65 -8.31
N ILE A 43 -4.64 -10.32 -8.34
CA ILE A 43 -3.72 -9.69 -9.30
C ILE A 43 -2.40 -9.24 -8.70
N GLY A 44 -1.48 -8.88 -9.59
CA GLY A 44 -0.20 -8.34 -9.16
C GLY A 44 -0.47 -6.87 -9.37
N ASN A 45 -0.44 -6.45 -10.63
CA ASN A 45 -0.72 -5.07 -11.02
C ASN A 45 -1.61 -5.16 -12.25
N ALA A 46 -2.68 -4.36 -12.29
CA ALA A 46 -3.60 -4.40 -13.43
C ALA A 46 -4.17 -3.03 -13.81
N LEU A 47 -4.21 -2.78 -15.11
CA LEU A 47 -4.74 -1.52 -15.62
C LEU A 47 -5.73 -1.77 -16.75
N PHE A 48 -6.80 -1.00 -16.73
CA PHE A 48 -7.86 -1.08 -17.72
C PHE A 48 -8.08 0.36 -18.15
N ARG A 49 -8.17 0.61 -19.46
CA ARG A 49 -8.38 1.98 -19.90
C ARG A 49 -8.78 2.16 -21.36
N LYS A 50 -9.30 3.35 -21.63
CA LYS A 50 -9.72 3.75 -22.95
C LYS A 50 -9.42 5.23 -23.07
N GLY A 51 -8.75 5.58 -24.16
CA GLY A 51 -8.40 6.96 -24.40
C GLY A 51 -7.70 7.09 -25.74
N LYS A 52 -6.56 7.76 -25.74
CA LYS A 52 -5.83 7.94 -26.98
C LYS A 52 -4.36 7.59 -26.86
N LYS A 53 -3.90 6.73 -27.76
CA LYS A 53 -2.51 6.37 -27.82
C LYS A 53 -1.94 7.21 -28.95
N PHE A 54 -0.99 8.08 -28.62
CA PHE A 54 -0.39 8.96 -29.62
C PHE A 54 0.83 8.32 -30.24
N ASP A 55 1.47 9.04 -31.15
CA ASP A 55 2.65 8.52 -31.84
C ASP A 55 3.98 8.90 -31.21
N SER A 56 3.93 9.68 -30.13
CA SER A 56 5.14 10.13 -29.47
C SER A 56 5.96 11.02 -30.40
N THR A 57 5.28 11.83 -31.19
CA THR A 57 5.98 12.70 -32.12
C THR A 57 5.63 14.15 -31.82
N LYS A 58 4.67 14.35 -30.94
CA LYS A 58 4.25 15.69 -30.58
C LYS A 58 4.16 15.94 -29.09
N THR A 59 4.46 17.16 -28.68
CA THR A 59 4.37 17.54 -27.28
C THR A 59 2.90 17.88 -27.07
N HIS A 60 2.44 17.91 -25.82
CA HIS A 60 1.04 18.21 -25.56
C HIS A 60 0.61 19.57 -26.12
N SER A 61 1.52 20.55 -26.10
CA SER A 61 1.20 21.88 -26.63
C SER A 61 0.98 21.85 -28.13
N GLN A 62 1.59 20.86 -28.80
CA GLN A 62 1.44 20.74 -30.24
C GLN A 62 0.16 19.98 -30.60
N LEU A 63 -0.37 19.25 -29.63
CA LEU A 63 -1.60 18.48 -29.83
C LEU A 63 -2.82 19.34 -29.60
N GLY A 64 -2.69 20.33 -28.73
CA GLY A 64 -3.83 21.17 -28.44
C GLY A 64 -4.38 20.78 -27.09
N ASN A 65 -5.32 21.58 -26.57
CA ASN A 65 -5.90 21.32 -25.26
C ASN A 65 -6.51 19.92 -25.14
N ILE A 66 -6.09 19.20 -24.11
CA ILE A 66 -6.59 17.86 -23.85
C ILE A 66 -7.49 17.86 -22.61
N SER A 67 -8.68 17.27 -22.76
CA SER A 67 -9.64 17.21 -21.67
C SER A 67 -10.49 15.95 -21.72
N ILE A 68 -10.92 15.48 -20.55
CA ILE A 68 -11.74 14.29 -20.44
C ILE A 68 -12.93 14.53 -19.52
N ASN A 69 -14.10 14.05 -19.94
CA ASN A 69 -15.32 14.15 -19.14
C ASN A 69 -15.66 12.71 -18.85
N TYR A 70 -15.90 12.39 -17.59
CA TYR A 70 -16.20 11.01 -17.28
C TYR A 70 -17.24 10.85 -16.19
N ASN A 71 -17.79 9.65 -16.17
CA ASN A 71 -18.78 9.27 -15.21
C ASN A 71 -18.50 7.79 -14.94
N ALA A 72 -18.31 7.43 -13.68
CA ALA A 72 -18.03 6.05 -13.39
C ALA A 72 -18.48 5.56 -12.03
N THR A 73 -18.46 4.24 -11.91
CA THR A 73 -18.80 3.54 -10.69
C THR A 73 -17.44 2.90 -10.39
N PHE A 74 -17.06 2.84 -9.11
CA PHE A 74 -15.73 2.34 -8.78
C PHE A 74 -15.59 1.69 -7.41
N ASN A 75 -15.16 0.43 -7.41
CA ASN A 75 -14.94 -0.29 -6.16
C ASN A 75 -13.45 -0.64 -6.02
N PRO A 76 -12.71 0.13 -5.21
CA PRO A 76 -11.28 -0.09 -4.96
C PRO A 76 -10.89 -1.51 -4.55
N GLY A 77 -11.60 -2.05 -3.56
CA GLY A 77 -11.33 -3.39 -3.08
C GLY A 77 -9.87 -3.53 -2.66
N GLY A 78 -9.32 -2.44 -2.14
CA GLY A 78 -7.93 -2.42 -1.72
C GLY A 78 -7.24 -1.20 -2.31
N ASN A 79 -6.02 -1.38 -2.80
CA ASN A 79 -5.29 -0.28 -3.41
C ASN A 79 -5.59 -0.22 -4.91
N SER A 80 -6.42 0.74 -5.30
CA SER A 80 -6.78 0.93 -6.70
C SER A 80 -6.99 2.40 -6.95
N TYR A 81 -6.82 2.83 -8.20
CA TYR A 81 -7.02 4.22 -8.54
C TYR A 81 -7.95 4.42 -9.74
N LEU A 82 -8.73 5.49 -9.69
CA LEU A 82 -9.61 5.90 -10.79
C LEU A 82 -8.86 7.15 -11.21
N CYS A 83 -8.32 7.18 -12.42
CA CYS A 83 -7.49 8.31 -12.84
C CYS A 83 -7.34 8.49 -14.33
N VAL A 84 -6.61 9.56 -14.69
CA VAL A 84 -6.26 9.84 -16.08
C VAL A 84 -4.80 9.43 -16.05
N TYR A 85 -4.44 8.51 -16.93
CA TYR A 85 -3.09 7.97 -16.97
C TYR A 85 -2.45 8.09 -18.33
N GLY A 86 -1.12 8.12 -18.36
CA GLY A 86 -0.41 8.22 -19.63
C GLY A 86 1.09 8.22 -19.47
N TRP A 87 1.77 8.42 -20.59
CA TRP A 87 3.22 8.46 -20.63
C TRP A 87 3.67 9.44 -21.68
N THR A 88 4.93 9.86 -21.58
CA THR A 88 5.55 10.73 -22.56
C THR A 88 6.92 10.10 -22.76
N LYS A 89 7.57 10.43 -23.87
CA LYS A 89 8.89 9.88 -24.15
C LYS A 89 9.84 11.03 -24.38
N ASP A 90 11.12 10.81 -24.09
CA ASP A 90 12.15 11.82 -24.27
C ASP A 90 11.70 13.17 -23.71
N PRO A 91 11.59 13.27 -22.38
CA PRO A 91 11.89 12.19 -21.43
C PRO A 91 10.78 11.18 -21.15
N LEU A 92 11.19 9.97 -20.79
CA LEU A 92 10.25 8.91 -20.46
C LEU A 92 9.60 9.29 -19.14
N THR A 93 8.29 9.49 -19.17
CA THR A 93 7.57 9.89 -17.97
C THR A 93 6.21 9.24 -17.86
N GLU A 94 5.85 8.84 -16.64
CA GLU A 94 4.55 8.24 -16.37
C GLU A 94 3.78 9.22 -15.50
N TYR A 95 2.54 9.52 -15.88
CA TYR A 95 1.77 10.49 -15.12
C TYR A 95 0.38 10.03 -14.68
N TYR A 96 -0.08 10.64 -13.60
CA TYR A 96 -1.38 10.32 -13.03
C TYR A 96 -2.09 11.59 -12.58
N ILE A 97 -3.40 11.58 -12.70
CA ILE A 97 -4.25 12.68 -12.23
C ILE A 97 -5.32 11.85 -11.53
N VAL A 98 -5.12 11.63 -10.24
CA VAL A 98 -6.03 10.78 -9.46
C VAL A 98 -7.21 11.46 -8.81
N ASP A 99 -8.40 10.99 -9.15
CA ASP A 99 -9.65 11.52 -8.61
C ASP A 99 -10.25 10.59 -7.58
N ASN A 100 -9.81 9.34 -7.55
CA ASN A 100 -10.35 8.42 -6.57
C ASN A 100 -9.33 7.32 -6.28
N TRP A 101 -9.38 6.77 -5.07
CA TRP A 101 -8.45 5.72 -4.67
C TRP A 101 -9.06 4.88 -3.54
N GLY A 102 -8.42 3.75 -3.22
CA GLY A 102 -8.91 2.88 -2.19
C GLY A 102 -8.17 3.05 -0.87
N THR A 103 -7.72 1.95 -0.29
CA THR A 103 -7.03 1.97 0.98
C THR A 103 -5.68 2.72 0.97
N TYR A 104 -5.21 3.13 -0.21
CA TYR A 104 -3.94 3.84 -0.30
C TYR A 104 -3.98 5.12 -1.12
N ARG A 105 -3.66 6.25 -0.50
CA ARG A 105 -3.65 7.52 -1.22
C ARG A 105 -2.27 7.71 -1.85
N PRO A 106 -2.21 7.90 -3.17
CA PRO A 106 -0.93 8.10 -3.83
C PRO A 106 -0.17 9.28 -3.22
N THR A 107 1.11 9.09 -2.96
CA THR A 107 1.93 10.15 -2.39
C THR A 107 3.32 10.09 -2.97
N GLY A 108 4.11 11.12 -2.69
CA GLY A 108 5.47 11.18 -3.20
C GLY A 108 6.13 12.47 -2.79
N THR A 109 7.19 12.85 -3.50
CA THR A 109 7.89 14.09 -3.19
C THR A 109 6.92 15.24 -3.43
N PRO A 110 6.55 15.95 -2.36
CA PRO A 110 5.63 17.09 -2.48
C PRO A 110 6.22 18.12 -3.41
N LYS A 111 5.42 18.64 -4.33
CA LYS A 111 5.95 19.63 -5.26
C LYS A 111 5.06 20.87 -5.39
N GLY A 112 3.83 20.76 -4.88
CA GLY A 112 2.91 21.88 -4.96
C GLY A 112 1.48 21.44 -4.87
N THR A 113 0.57 22.37 -5.13
CA THR A 113 -0.86 22.06 -5.07
C THR A 113 -1.52 22.88 -6.18
N PHE A 114 -2.59 22.33 -6.73
CA PHE A 114 -3.26 22.95 -7.86
C PHE A 114 -4.77 22.81 -7.75
N THR A 115 -5.49 23.89 -8.01
CA THR A 115 -6.94 23.87 -7.93
C THR A 115 -7.57 24.02 -9.31
N VAL A 116 -8.23 22.96 -9.76
CA VAL A 116 -8.87 22.98 -11.06
C VAL A 116 -10.03 21.99 -11.08
N ASP A 117 -10.94 22.18 -12.04
CA ASP A 117 -12.08 21.32 -12.19
C ASP A 117 -12.87 21.15 -10.90
N GLY A 118 -13.12 22.27 -10.22
CA GLY A 118 -13.89 22.24 -8.98
C GLY A 118 -13.19 21.58 -7.81
N GLY A 119 -11.93 21.22 -7.97
CA GLY A 119 -11.22 20.58 -6.87
C GLY A 119 -9.82 21.10 -6.65
N THR A 120 -9.18 20.58 -5.60
CA THR A 120 -7.82 20.98 -5.27
C THR A 120 -6.94 19.73 -5.22
N TYR A 121 -5.92 19.71 -6.08
CA TYR A 121 -5.02 18.57 -6.18
C TYR A 121 -3.67 18.76 -5.50
N ASP A 122 -3.16 17.66 -4.95
CA ASP A 122 -1.85 17.64 -4.31
C ASP A 122 -0.91 17.16 -5.39
N ILE A 123 0.20 17.86 -5.61
CA ILE A 123 1.13 17.45 -6.65
C ILE A 123 2.37 16.79 -6.08
N TYR A 124 2.67 15.59 -6.57
CA TYR A 124 3.84 14.86 -6.12
C TYR A 124 4.64 14.35 -7.30
N GLU A 125 5.91 14.05 -7.03
CA GLU A 125 6.80 13.52 -8.03
C GLU A 125 7.55 12.37 -7.36
N THR A 126 7.79 11.31 -8.11
CA THR A 126 8.49 10.16 -7.58
C THR A 126 9.37 9.62 -8.67
N THR A 127 10.44 8.93 -8.30
CA THR A 127 11.34 8.38 -9.29
C THR A 127 11.26 6.86 -9.30
N ARG A 128 11.29 6.30 -10.51
CA ARG A 128 11.21 4.86 -10.71
C ARG A 128 12.55 4.38 -11.25
N ILE A 129 13.22 3.53 -10.47
CA ILE A 129 14.52 2.99 -10.86
C ILE A 129 14.39 1.57 -11.40
N ASN A 130 14.66 1.39 -12.69
CA ASN A 130 14.58 0.09 -13.33
C ASN A 130 13.27 -0.62 -13.04
N GLN A 131 12.18 0.00 -13.44
CA GLN A 131 10.86 -0.58 -13.24
C GLN A 131 10.24 -0.77 -14.61
N PRO A 132 9.16 -1.58 -14.69
CA PRO A 132 8.50 -1.82 -15.96
C PRO A 132 7.98 -0.50 -16.53
N SER A 133 8.12 -0.32 -17.84
CA SER A 133 7.64 0.90 -18.48
C SER A 133 7.16 0.51 -19.86
N ILE A 134 6.51 1.46 -20.54
CA ILE A 134 5.99 1.22 -21.88
C ILE A 134 7.11 0.85 -22.83
N ILE A 135 8.36 1.16 -22.49
CA ILE A 135 9.47 0.79 -23.37
C ILE A 135 10.32 -0.33 -22.78
N GLY A 136 9.90 -0.87 -21.63
CA GLY A 136 10.66 -1.93 -21.00
C GLY A 136 11.22 -1.50 -19.66
N ILE A 137 12.04 -2.34 -19.04
CA ILE A 137 12.63 -1.99 -17.75
C ILE A 137 13.42 -0.72 -17.97
N ALA A 138 13.05 0.34 -17.25
CA ALA A 138 13.73 1.61 -17.39
C ALA A 138 13.61 2.45 -16.13
N THR A 139 14.30 3.58 -16.12
CA THR A 139 14.27 4.50 -14.99
C THR A 139 13.57 5.76 -15.50
N PHE A 140 12.65 6.27 -14.70
CA PHE A 140 11.86 7.44 -15.10
C PHE A 140 11.15 8.09 -13.93
N LYS A 141 10.68 9.31 -14.15
CA LYS A 141 9.96 10.04 -13.12
C LYS A 141 8.47 9.78 -13.25
N GLN A 142 7.76 9.88 -12.13
CA GLN A 142 6.33 9.73 -12.10
C GLN A 142 5.74 11.07 -11.66
N TYR A 143 4.71 11.53 -12.37
CA TYR A 143 4.06 12.79 -12.00
C TYR A 143 2.69 12.47 -11.42
N TRP A 144 2.36 13.10 -10.30
CA TRP A 144 1.08 12.87 -9.63
C TRP A 144 0.27 14.12 -9.26
N SER A 145 -1.01 14.07 -9.59
CA SER A 145 -1.97 15.11 -9.24
C SER A 145 -3.03 14.27 -8.53
N VAL A 146 -3.20 14.48 -7.23
CA VAL A 146 -4.17 13.72 -6.48
C VAL A 146 -5.20 14.66 -5.86
N ARG A 147 -6.46 14.46 -6.21
CA ARG A 147 -7.53 15.31 -5.70
C ARG A 147 -7.58 15.11 -4.18
N GLN A 148 -7.79 16.18 -3.43
CA GLN A 148 -7.84 16.05 -1.96
C GLN A 148 -9.11 15.37 -1.49
N THR A 149 -10.13 15.37 -2.34
CA THR A 149 -11.41 14.74 -2.04
C THR A 149 -11.76 13.83 -3.21
N LYS A 150 -12.25 12.64 -2.90
CA LYS A 150 -12.62 11.67 -3.93
C LYS A 150 -13.88 12.03 -4.71
N ARG A 151 -13.95 11.56 -5.95
CA ARG A 151 -15.10 11.75 -6.82
C ARG A 151 -15.09 10.66 -7.88
N THR A 152 -16.23 10.43 -8.52
CA THR A 152 -16.33 9.39 -9.54
C THR A 152 -16.93 9.89 -10.84
N SER A 153 -16.87 11.19 -11.05
CA SER A 153 -17.38 11.77 -12.27
C SER A 153 -16.92 13.22 -12.30
N GLY A 154 -16.85 13.80 -13.50
CA GLY A 154 -16.41 15.18 -13.59
C GLY A 154 -15.53 15.39 -14.79
N THR A 155 -14.99 16.59 -14.88
CA THR A 155 -14.11 16.97 -15.98
C THR A 155 -12.69 17.08 -15.48
N VAL A 156 -11.75 16.52 -16.23
CA VAL A 156 -10.34 16.59 -15.86
C VAL A 156 -9.64 17.39 -16.95
N SER A 157 -9.17 18.57 -16.60
CA SER A 157 -8.47 19.42 -17.55
C SER A 157 -7.01 18.96 -17.63
N VAL A 158 -6.80 17.83 -18.31
CA VAL A 158 -5.49 17.23 -18.46
C VAL A 158 -4.36 18.18 -18.83
N SER A 159 -4.59 19.03 -19.83
CA SER A 159 -3.56 19.97 -20.25
C SER A 159 -3.23 21.00 -19.18
N GLU A 160 -4.22 21.40 -18.38
CA GLU A 160 -3.95 22.36 -17.34
C GLU A 160 -3.01 21.73 -16.33
N HIS A 161 -3.18 20.43 -16.06
CA HIS A 161 -2.29 19.75 -15.11
C HIS A 161 -0.89 19.74 -15.69
N PHE A 162 -0.78 19.40 -16.98
CA PHE A 162 0.52 19.36 -17.64
C PHE A 162 1.24 20.70 -17.51
N LYS A 163 0.53 21.78 -17.85
CA LYS A 163 1.09 23.13 -17.76
C LYS A 163 1.55 23.45 -16.35
N LYS A 164 0.80 23.01 -15.37
CA LYS A 164 1.17 23.27 -13.99
C LYS A 164 2.36 22.43 -13.55
N TRP A 165 2.43 21.21 -14.03
CA TRP A 165 3.56 20.35 -13.68
C TRP A 165 4.83 20.97 -14.23
N GLU A 166 4.73 21.53 -15.44
CA GLU A 166 5.88 22.14 -16.07
C GLU A 166 6.32 23.39 -15.32
N SER A 167 5.38 24.27 -15.00
CA SER A 167 5.71 25.49 -14.27
C SER A 167 6.36 25.15 -12.92
N LEU A 168 6.27 23.88 -12.51
CA LEU A 168 6.85 23.43 -11.25
C LEU A 168 8.13 22.64 -11.46
N GLY A 169 8.77 22.82 -12.62
CA GLY A 169 9.99 22.10 -12.89
C GLY A 169 9.82 20.63 -13.24
N MET A 170 8.61 20.23 -13.65
CA MET A 170 8.32 18.86 -14.03
C MET A 170 8.01 18.82 -15.54
N PRO A 171 9.07 18.71 -16.36
CA PRO A 171 8.98 18.67 -17.82
C PRO A 171 8.28 17.46 -18.41
N MET A 172 7.62 17.68 -19.54
CA MET A 172 6.90 16.63 -20.26
C MET A 172 7.58 16.39 -21.61
N GLY A 173 7.61 15.15 -22.07
CA GLY A 173 8.22 14.87 -23.36
C GLY A 173 7.12 14.75 -24.39
N LYS A 174 7.35 13.96 -25.44
CA LYS A 174 6.34 13.78 -26.48
C LYS A 174 5.24 12.86 -25.92
N MET A 175 3.99 13.18 -26.21
CA MET A 175 2.87 12.41 -25.71
C MET A 175 2.78 11.00 -26.30
N TYR A 176 2.66 10.02 -25.42
CA TYR A 176 2.53 8.63 -25.83
C TYR A 176 1.08 8.20 -25.63
N GLU A 177 0.42 8.75 -24.61
CA GLU A 177 -0.94 8.37 -24.32
C GLU A 177 -1.61 9.23 -23.25
N THR A 178 -2.95 9.23 -23.27
CA THR A 178 -3.77 9.94 -22.29
C THR A 178 -5.06 9.14 -22.20
N ALA A 179 -5.35 8.57 -21.04
CA ALA A 179 -6.57 7.78 -20.92
C ALA A 179 -7.15 7.63 -19.53
N LEU A 180 -8.48 7.67 -19.47
CA LEU A 180 -9.23 7.48 -18.23
C LEU A 180 -8.83 6.04 -17.90
N THR A 181 -8.30 5.86 -16.70
CA THR A 181 -7.78 4.56 -16.29
C THR A 181 -8.16 4.11 -14.90
N VAL A 182 -8.35 2.80 -14.77
CA VAL A 182 -8.65 2.17 -13.49
C VAL A 182 -7.45 1.26 -13.31
N GLU A 183 -6.78 1.41 -12.18
CA GLU A 183 -5.59 0.62 -11.88
C GLU A 183 -5.74 -0.07 -10.54
N GLY A 184 -5.16 -1.27 -10.45
CA GLY A 184 -5.23 -2.02 -9.21
C GLY A 184 -3.93 -2.71 -8.89
N TYR A 185 -3.65 -2.84 -7.60
CA TYR A 185 -2.43 -3.48 -7.13
C TYR A 185 -2.78 -4.45 -6.01
N GLN A 186 -2.78 -5.75 -6.32
CA GLN A 186 -3.13 -6.78 -5.34
C GLN A 186 -4.45 -6.46 -4.64
N SER A 187 -5.35 -5.82 -5.38
CA SER A 187 -6.66 -5.46 -4.88
C SER A 187 -7.69 -6.34 -5.58
N ASN A 188 -8.93 -6.33 -5.10
CA ASN A 188 -10.00 -7.11 -5.71
C ASN A 188 -11.17 -6.17 -5.88
N GLY A 189 -11.29 -5.59 -7.06
CA GLY A 189 -12.36 -4.65 -7.27
C GLY A 189 -12.96 -4.69 -8.65
N SER A 190 -13.57 -3.57 -9.00
CA SER A 190 -14.22 -3.43 -10.28
C SER A 190 -14.58 -1.98 -10.49
N ALA A 191 -15.00 -1.67 -11.71
CA ALA A 191 -15.40 -0.32 -12.06
C ALA A 191 -16.25 -0.37 -13.31
N ASN A 192 -17.13 0.59 -13.45
CA ASN A 192 -18.00 0.68 -14.61
C ASN A 192 -17.94 2.13 -15.06
N VAL A 193 -17.19 2.38 -16.13
CA VAL A 193 -17.08 3.72 -16.67
C VAL A 193 -18.17 3.86 -17.73
N THR A 194 -19.30 4.46 -17.34
CA THR A 194 -20.43 4.65 -18.23
C THR A 194 -20.29 5.83 -19.20
N ALA A 195 -19.43 6.78 -18.87
CA ALA A 195 -19.20 7.94 -19.71
C ALA A 195 -17.72 8.25 -19.66
N ASN A 196 -17.12 8.47 -20.83
CA ASN A 196 -15.70 8.76 -20.92
C ASN A 196 -15.41 9.35 -22.27
N VAL A 197 -15.28 10.67 -22.32
CA VAL A 197 -15.01 11.37 -23.56
C VAL A 197 -13.73 12.17 -23.52
N LEU A 198 -12.84 11.84 -24.45
CA LEU A 198 -11.58 12.54 -24.55
C LEU A 198 -11.61 13.47 -25.76
N THR A 199 -11.36 14.74 -25.50
CA THR A 199 -11.32 15.73 -26.56
C THR A 199 -9.90 16.25 -26.75
N ILE A 200 -9.55 16.52 -27.99
CA ILE A 200 -8.25 17.06 -28.34
C ILE A 200 -8.56 18.31 -29.14
N GLY A 201 -8.18 19.47 -28.62
CA GLY A 201 -8.49 20.70 -29.31
C GLY A 201 -10.00 20.83 -29.31
N GLY A 202 -10.63 20.30 -28.27
CA GLY A 202 -12.08 20.37 -28.14
C GLY A 202 -12.82 19.36 -28.99
N LYS A 203 -12.09 18.65 -29.84
CA LYS A 203 -12.69 17.65 -30.72
C LYS A 203 -12.69 16.26 -30.08
N PRO A 204 -13.87 15.66 -29.90
CA PRO A 204 -14.03 14.33 -29.30
C PRO A 204 -13.41 13.22 -30.17
N LEU A 205 -12.93 12.17 -29.51
CA LEU A 205 -12.33 11.04 -30.22
C LEU A 205 -13.40 10.30 -31.03
N ALA B 1 4.85 -28.58 14.09
CA ALA B 1 4.05 -29.58 14.88
C ALA B 1 2.58 -29.49 14.48
N THR B 2 1.84 -28.57 15.09
CA THR B 2 0.43 -28.45 14.76
C THR B 2 0.24 -27.32 13.77
N THR B 3 -0.64 -27.53 12.79
CA THR B 3 -0.92 -26.52 11.77
C THR B 3 -2.37 -26.05 11.86
N ILE B 4 -2.57 -24.75 11.95
CA ILE B 4 -3.92 -24.19 12.02
C ILE B 4 -4.18 -23.33 10.81
N THR B 5 -5.45 -23.20 10.43
CA THR B 5 -5.81 -22.44 9.25
C THR B 5 -6.84 -21.35 9.46
N SER B 6 -7.42 -21.26 10.67
CA SER B 6 -8.41 -20.25 10.94
C SER B 6 -8.11 -19.57 12.27
N ASN B 7 -8.74 -18.42 12.49
CA ASN B 7 -8.53 -17.64 13.71
C ASN B 7 -8.43 -18.47 14.98
N GLN B 8 -7.31 -18.36 15.67
CA GLN B 8 -7.11 -19.11 16.88
C GLN B 8 -6.03 -18.50 17.75
N THR B 9 -6.22 -18.58 19.05
CA THR B 9 -5.25 -18.07 20.00
C THR B 9 -5.03 -19.11 21.08
N GLY B 10 -3.83 -19.13 21.64
CA GLY B 10 -3.54 -20.08 22.69
C GLY B 10 -2.10 -19.96 23.15
N THR B 11 -1.61 -21.02 23.76
CA THR B 11 -0.23 -21.05 24.23
C THR B 11 0.38 -22.34 23.69
N HIS B 12 1.57 -22.20 23.11
CA HIS B 12 2.25 -23.34 22.53
C HIS B 12 3.71 -23.34 22.93
N ASP B 13 4.09 -24.38 23.68
CA ASP B 13 5.46 -24.54 24.13
C ASP B 13 5.99 -23.29 24.80
N GLY B 14 5.21 -22.75 25.73
CA GLY B 14 5.61 -21.56 26.45
C GLY B 14 5.24 -20.22 25.83
N TYR B 15 4.99 -20.21 24.52
CA TYR B 15 4.66 -18.97 23.81
C TYR B 15 3.18 -18.77 23.48
N ASP B 16 2.70 -17.53 23.63
CA ASP B 16 1.32 -17.23 23.30
C ASP B 16 1.27 -17.01 21.80
N TYR B 17 0.49 -17.84 21.11
CA TYR B 17 0.43 -17.74 19.67
C TYR B 17 -0.93 -17.25 19.21
N GLU B 18 -0.99 -16.77 17.98
CA GLU B 18 -2.23 -16.32 17.40
C GLU B 18 -2.21 -16.18 15.90
N LEU B 19 -3.25 -16.72 15.28
CA LEU B 19 -3.42 -16.59 13.84
C LEU B 19 -4.67 -15.74 13.75
N TRP B 20 -4.60 -14.63 13.02
CA TRP B 20 -5.76 -13.78 12.84
C TRP B 20 -5.82 -13.24 11.42
N LYS B 21 -7.04 -13.18 10.89
CA LYS B 21 -7.29 -12.69 9.55
C LYS B 21 -8.75 -12.26 9.49
N ASP B 22 -9.04 -11.23 8.70
CA ASP B 22 -10.42 -10.82 8.56
C ASP B 22 -11.01 -11.71 7.49
N SER B 23 -10.14 -12.27 6.65
CA SER B 23 -10.57 -13.13 5.55
C SER B 23 -9.39 -13.59 4.69
N GLY B 24 -9.56 -14.71 3.99
CA GLY B 24 -8.50 -15.21 3.14
C GLY B 24 -7.92 -16.55 3.55
N ASN B 25 -6.98 -17.07 2.75
CA ASN B 25 -6.34 -18.35 3.03
C ASN B 25 -5.13 -18.12 3.92
N THR B 26 -5.13 -18.74 5.09
CA THR B 26 -4.04 -18.59 6.04
C THR B 26 -3.66 -19.94 6.62
N SER B 27 -2.37 -20.18 6.74
CA SER B 27 -1.87 -21.41 7.32
C SER B 27 -0.72 -21.06 8.24
N MET B 28 -0.79 -21.57 9.47
CA MET B 28 0.25 -21.29 10.44
C MET B 28 0.63 -22.60 11.11
N THR B 29 1.92 -22.86 11.17
CA THR B 29 2.44 -24.07 11.77
C THR B 29 3.18 -23.69 13.04
N LEU B 30 2.74 -24.24 14.16
CA LEU B 30 3.34 -23.97 15.45
C LEU B 30 4.52 -24.89 15.71
N ASN B 31 5.69 -24.31 15.89
CA ASN B 31 6.92 -25.08 16.13
C ASN B 31 7.44 -24.85 17.55
N SER B 32 8.59 -25.42 17.87
CA SER B 32 9.18 -25.31 19.21
C SER B 32 9.45 -23.89 19.68
N GLY B 33 9.21 -23.65 20.98
CA GLY B 33 9.45 -22.33 21.55
C GLY B 33 8.65 -21.26 20.84
N GLY B 34 9.33 -20.19 20.42
CA GLY B 34 8.66 -19.11 19.73
C GLY B 34 8.66 -19.30 18.22
N ALA B 35 9.08 -20.49 17.78
CA ALA B 35 9.16 -20.78 16.35
C ALA B 35 7.81 -21.07 15.72
N PHE B 36 7.64 -20.62 14.48
CA PHE B 36 6.40 -20.81 13.75
C PHE B 36 6.62 -20.43 12.30
N SER B 37 5.73 -20.89 11.44
CA SER B 37 5.83 -20.55 10.03
C SER B 37 4.44 -20.19 9.55
N ALA B 38 4.34 -19.56 8.39
CA ALA B 38 3.04 -19.18 7.87
C ALA B 38 3.07 -18.84 6.39
N GLN B 39 1.92 -19.03 5.76
CA GLN B 39 1.74 -18.72 4.35
C GLN B 39 0.32 -18.21 4.21
N TRP B 40 0.13 -17.24 3.33
CA TRP B 40 -1.19 -16.65 3.15
C TRP B 40 -1.37 -16.10 1.73
N SER B 41 -2.62 -15.99 1.31
CA SER B 41 -2.97 -15.48 -0.01
C SER B 41 -4.45 -15.11 -0.01
N ASN B 42 -4.84 -14.25 -0.95
CA ASN B 42 -6.23 -13.81 -1.07
C ASN B 42 -6.71 -13.37 0.30
N ILE B 43 -5.93 -12.53 0.96
CA ILE B 43 -6.30 -12.07 2.29
C ILE B 43 -6.73 -10.61 2.35
N GLY B 44 -7.35 -10.26 3.46
CA GLY B 44 -7.71 -8.89 3.67
C GLY B 44 -6.50 -8.48 4.48
N ASN B 45 -6.58 -8.72 5.79
CA ASN B 45 -5.50 -8.41 6.72
C ASN B 45 -5.22 -9.71 7.48
N ALA B 46 -3.94 -10.00 7.75
CA ALA B 46 -3.61 -11.23 8.46
C ALA B 46 -2.36 -11.10 9.31
N LEU B 47 -2.43 -11.65 10.52
CA LEU B 47 -1.32 -11.62 11.46
C LEU B 47 -1.04 -12.99 12.06
N PHE B 48 0.24 -13.32 12.10
CA PHE B 48 0.71 -14.59 12.65
C PHE B 48 1.78 -14.21 13.67
N ARG B 49 1.68 -14.74 14.88
CA ARG B 49 2.69 -14.38 15.87
C ARG B 49 2.77 -15.28 17.10
N LYS B 50 3.91 -15.20 17.77
CA LYS B 50 4.17 -15.94 18.99
C LYS B 50 4.93 -15.02 19.91
N GLY B 51 4.42 -14.85 21.11
CA GLY B 51 5.08 -13.98 22.06
C GLY B 51 4.44 -14.09 23.42
N LYS B 52 4.24 -12.95 24.05
CA LYS B 52 3.62 -12.96 25.36
C LYS B 52 2.38 -12.09 25.43
N LYS B 53 1.30 -12.70 25.89
CA LYS B 53 0.05 -11.98 26.09
C LYS B 53 0.01 -11.69 27.59
N PHE B 54 0.00 -10.41 27.91
CA PHE B 54 -0.01 -9.97 29.30
C PHE B 54 -1.43 -9.75 29.83
N ASP B 55 -1.53 -9.39 31.10
CA ASP B 55 -2.82 -9.16 31.74
C ASP B 55 -3.27 -7.72 31.73
N SER B 56 -2.49 -6.84 31.11
CA SER B 56 -2.84 -5.42 31.05
C SER B 56 -2.90 -4.76 32.41
N THR B 57 -2.19 -5.32 33.40
CA THR B 57 -2.21 -4.73 34.74
C THR B 57 -0.88 -4.05 35.10
N LYS B 58 0.14 -4.26 34.27
CA LYS B 58 1.47 -3.71 34.55
C LYS B 58 2.09 -2.91 33.41
N THR B 59 2.80 -1.85 33.75
CA THR B 59 3.47 -1.06 32.73
C THR B 59 4.69 -1.87 32.33
N HIS B 60 5.30 -1.54 31.19
CA HIS B 60 6.46 -2.29 30.74
C HIS B 60 7.59 -2.17 31.75
N SER B 61 7.70 -1.02 32.42
CA SER B 61 8.75 -0.82 33.40
C SER B 61 8.59 -1.80 34.58
N GLN B 62 7.35 -2.13 34.94
CA GLN B 62 7.09 -3.07 36.03
C GLN B 62 7.50 -4.47 35.64
N LEU B 63 7.23 -4.82 34.38
CA LEU B 63 7.55 -6.15 33.88
C LEU B 63 9.06 -6.35 33.78
N GLY B 64 9.78 -5.28 33.52
CA GLY B 64 11.22 -5.40 33.40
C GLY B 64 11.60 -5.26 31.93
N ASN B 65 12.90 -5.19 31.66
CA ASN B 65 13.40 -5.05 30.31
C ASN B 65 12.89 -6.16 29.40
N ILE B 66 12.29 -5.77 28.28
CA ILE B 66 11.75 -6.71 27.29
C ILE B 66 12.63 -6.74 26.06
N SER B 67 12.99 -7.95 25.64
CA SER B 67 13.84 -8.12 24.46
C SER B 67 13.49 -9.39 23.66
N ILE B 68 13.81 -9.36 22.37
CA ILE B 68 13.54 -10.48 21.47
C ILE B 68 14.70 -10.75 20.51
N ASN B 69 15.10 -12.02 20.43
CA ASN B 69 16.16 -12.44 19.52
C ASN B 69 15.45 -13.31 18.50
N TYR B 70 15.62 -13.00 17.22
CA TYR B 70 14.93 -13.80 16.23
C TYR B 70 15.76 -14.08 14.99
N ASN B 71 15.31 -15.10 14.27
CA ASN B 71 15.95 -15.51 13.04
C ASN B 71 14.80 -15.95 12.16
N ALA B 72 14.68 -15.36 10.99
CA ALA B 72 13.57 -15.73 10.13
C ALA B 72 13.79 -15.60 8.65
N THR B 73 12.94 -16.31 7.91
CA THR B 73 12.92 -16.31 6.48
C THR B 73 11.61 -15.56 6.22
N PHE B 74 11.58 -14.65 5.25
CA PHE B 74 10.40 -13.82 5.04
C PHE B 74 10.14 -13.38 3.59
N ASN B 75 8.98 -13.73 3.07
CA ASN B 75 8.61 -13.34 1.71
C ASN B 75 7.37 -12.44 1.77
N PRO B 76 7.58 -11.13 1.62
CA PRO B 76 6.47 -10.17 1.66
C PRO B 76 5.34 -10.49 0.67
N GLY B 77 5.69 -10.72 -0.59
CA GLY B 77 4.68 -11.02 -1.60
C GLY B 77 3.65 -9.90 -1.66
N GLY B 78 4.11 -8.67 -1.51
CA GLY B 78 3.22 -7.52 -1.53
C GLY B 78 3.46 -6.71 -0.27
N ASN B 79 2.41 -6.14 0.31
CA ASN B 79 2.56 -5.37 1.54
C ASN B 79 2.49 -6.28 2.76
N SER B 80 3.65 -6.59 3.35
CA SER B 80 3.73 -7.44 4.53
C SER B 80 4.83 -6.93 5.44
N TYR B 81 4.69 -7.17 6.74
CA TYR B 81 5.70 -6.74 7.71
C TYR B 81 6.22 -7.87 8.59
N LEU B 82 7.49 -7.77 8.97
CA LEU B 82 8.14 -8.72 9.87
C LEU B 82 8.51 -7.78 11.01
N CYS B 83 7.86 -7.94 12.15
CA CYS B 83 8.09 -6.99 13.22
C CYS B 83 7.76 -7.52 14.59
N VAL B 84 7.90 -6.64 15.59
CA VAL B 84 7.55 -6.94 16.96
C VAL B 84 6.28 -6.11 17.07
N TYR B 85 5.20 -6.75 17.48
CA TYR B 85 3.90 -6.09 17.55
C TYR B 85 3.25 -6.28 18.92
N GLY B 86 2.31 -5.40 19.24
CA GLY B 86 1.65 -5.51 20.52
C GLY B 86 0.72 -4.36 20.80
N TRP B 87 0.14 -4.37 21.99
CA TRP B 87 -0.79 -3.33 22.43
C TRP B 87 -0.60 -3.06 23.90
N THR B 88 -1.17 -1.94 24.32
CA THR B 88 -1.19 -1.54 25.72
C THR B 88 -2.61 -1.01 25.91
N LYS B 89 -3.05 -0.92 27.16
CA LYS B 89 -4.38 -0.42 27.46
C LYS B 89 -4.26 0.73 28.45
N ASP B 90 -5.23 1.63 28.42
CA ASP B 90 -5.24 2.78 29.33
C ASP B 90 -3.87 3.45 29.39
N PRO B 91 -3.48 4.13 28.30
CA PRO B 91 -4.26 4.25 27.07
C PRO B 91 -4.14 3.05 26.13
N LEU B 92 -5.14 2.91 25.25
CA LEU B 92 -5.16 1.84 24.26
C LEU B 92 -4.17 2.27 23.19
N THR B 93 -3.16 1.44 22.95
CA THR B 93 -2.15 1.75 21.95
C THR B 93 -1.65 0.51 21.23
N GLU B 94 -1.44 0.64 19.93
CA GLU B 94 -0.93 -0.44 19.09
C GLU B 94 0.47 0.02 18.68
N TYR B 95 1.45 -0.87 18.76
CA TYR B 95 2.81 -0.49 18.41
C TYR B 95 3.55 -1.48 17.52
N TYR B 96 4.40 -0.94 16.66
CA TYR B 96 5.20 -1.72 15.74
C TYR B 96 6.66 -1.32 15.82
N ILE B 97 7.53 -2.30 15.63
CA ILE B 97 8.98 -2.09 15.57
C ILE B 97 9.26 -2.96 14.34
N VAL B 98 9.24 -2.32 13.17
CA VAL B 98 9.42 -3.01 11.89
C VAL B 98 10.86 -3.15 11.42
N ASP B 99 11.28 -4.40 11.20
CA ASP B 99 12.63 -4.70 10.73
C ASP B 99 12.63 -5.10 9.26
N ASN B 100 11.46 -5.48 8.74
CA ASN B 100 11.37 -5.85 7.34
C ASN B 100 9.98 -5.57 6.80
N TRP B 101 9.89 -5.32 5.49
CA TRP B 101 8.62 -5.02 4.84
C TRP B 101 8.71 -5.32 3.35
N GLY B 102 7.56 -5.31 2.69
CA GLY B 102 7.52 -5.59 1.27
C GLY B 102 7.45 -4.37 0.40
N THR B 103 6.45 -4.32 -0.47
CA THR B 103 6.28 -3.20 -1.38
C THR B 103 5.88 -1.89 -0.72
N TYR B 104 5.53 -1.93 0.56
CA TYR B 104 5.14 -0.71 1.28
C TYR B 104 5.89 -0.48 2.59
N ARG B 105 6.58 0.66 2.70
CA ARG B 105 7.31 0.98 3.93
C ARG B 105 6.39 1.75 4.88
N PRO B 106 6.18 1.22 6.09
CA PRO B 106 5.33 1.87 7.08
C PRO B 106 5.77 3.31 7.33
N THR B 107 4.82 4.23 7.29
CA THR B 107 5.12 5.63 7.53
C THR B 107 4.02 6.30 8.35
N GLY B 108 4.23 7.55 8.72
CA GLY B 108 3.24 8.26 9.50
C GLY B 108 3.77 9.60 9.92
N THR B 109 3.18 10.18 10.96
CA THR B 109 3.63 11.48 11.45
C THR B 109 5.03 11.31 12.02
N PRO B 110 6.04 11.90 11.35
CA PRO B 110 7.43 11.80 11.80
C PRO B 110 7.55 12.32 13.22
N LYS B 111 8.33 11.62 14.05
CA LYS B 111 8.50 12.05 15.43
C LYS B 111 9.93 12.00 15.92
N GLY B 112 10.82 11.47 15.10
CA GLY B 112 12.22 11.39 15.49
C GLY B 112 12.96 10.22 14.89
N THR B 113 14.18 10.01 15.36
CA THR B 113 15.03 8.93 14.87
C THR B 113 15.67 8.24 16.08
N PHE B 114 15.95 6.94 15.97
CA PHE B 114 16.50 6.19 17.08
C PHE B 114 17.41 5.06 16.59
N THR B 115 18.66 5.03 17.04
CA THR B 115 19.57 3.98 16.62
C THR B 115 19.78 2.99 17.76
N VAL B 116 19.55 1.71 17.49
CA VAL B 116 19.70 0.67 18.48
C VAL B 116 19.78 -0.68 17.78
N ASP B 117 20.31 -1.68 18.48
CA ASP B 117 20.44 -3.03 17.91
C ASP B 117 21.16 -3.01 16.57
N GLY B 118 22.23 -2.23 16.50
CA GLY B 118 23.01 -2.14 15.28
C GLY B 118 22.27 -1.47 14.14
N GLY B 119 21.14 -0.84 14.43
CA GLY B 119 20.39 -0.18 13.38
C GLY B 119 19.89 1.20 13.74
N THR B 120 19.28 1.85 12.76
CA THR B 120 18.72 3.18 12.96
C THR B 120 17.27 3.17 12.51
N TYR B 121 16.37 3.43 13.43
CA TYR B 121 14.94 3.42 13.15
C TYR B 121 14.32 4.79 12.99
N ASP B 122 13.34 4.88 12.09
CA ASP B 122 12.59 6.10 11.85
C ASP B 122 11.38 5.95 12.75
N ILE B 123 11.11 6.93 13.58
CA ILE B 123 9.96 6.85 14.45
C ILE B 123 8.74 7.63 13.92
N TYR B 124 7.59 6.99 13.90
CA TYR B 124 6.37 7.64 13.43
C TYR B 124 5.21 7.37 14.38
N GLU B 125 4.22 8.25 14.32
CA GLU B 125 3.02 8.14 15.13
C GLU B 125 1.84 8.41 14.20
N THR B 126 0.76 7.67 14.38
CA THR B 126 -0.42 7.80 13.55
C THR B 126 -1.63 7.53 14.42
N THR B 127 -2.77 8.12 14.08
CA THR B 127 -3.98 7.90 14.85
C THR B 127 -4.99 7.07 14.10
N ARG B 128 -5.63 6.17 14.84
CA ARG B 128 -6.64 5.29 14.27
C ARG B 128 -7.98 5.68 14.87
N ILE B 129 -8.88 6.16 14.03
CA ILE B 129 -10.21 6.57 14.49
C ILE B 129 -11.25 5.54 14.07
N ASN B 130 -11.85 4.89 15.07
CA ASN B 130 -12.85 3.87 14.86
C ASN B 130 -12.33 2.76 13.95
N GLN B 131 -11.27 2.09 14.39
CA GLN B 131 -10.70 0.99 13.61
C GLN B 131 -10.72 -0.25 14.49
N PRO B 132 -10.58 -1.43 13.88
CA PRO B 132 -10.59 -2.67 14.67
C PRO B 132 -9.45 -2.67 15.68
N SER B 133 -9.71 -3.12 16.89
CA SER B 133 -8.66 -3.17 17.91
C SER B 133 -8.89 -4.42 18.76
N ILE B 134 -7.96 -4.68 19.69
CA ILE B 134 -8.06 -5.84 20.56
C ILE B 134 -9.32 -5.81 21.41
N ILE B 135 -9.89 -4.63 21.59
CA ILE B 135 -11.10 -4.47 22.39
C ILE B 135 -12.31 -4.10 21.53
N GLY B 136 -12.15 -4.16 20.22
CA GLY B 136 -13.23 -3.84 19.31
C GLY B 136 -13.00 -2.52 18.59
N ILE B 137 -14.01 -2.09 17.83
CA ILE B 137 -13.90 -0.84 17.10
C ILE B 137 -13.56 0.25 18.10
N ALA B 138 -12.43 0.90 17.91
CA ALA B 138 -12.02 1.93 18.84
C ALA B 138 -11.08 2.90 18.16
N THR B 139 -10.79 4.00 18.86
CA THR B 139 -9.88 5.01 18.36
C THR B 139 -8.64 4.94 19.24
N PHE B 140 -7.48 5.02 18.62
CA PHE B 140 -6.22 4.91 19.35
C PHE B 140 -5.03 5.37 18.53
N LYS B 141 -3.90 5.58 19.19
CA LYS B 141 -2.69 6.00 18.51
C LYS B 141 -1.81 4.79 18.21
N GLN B 142 -1.16 4.81 17.04
CA GLN B 142 -0.25 3.75 16.63
C GLN B 142 1.18 4.29 16.76
N TYR B 143 2.06 3.47 17.31
CA TYR B 143 3.46 3.84 17.46
C TYR B 143 4.30 3.02 16.50
N TRP B 144 5.21 3.68 15.78
CA TRP B 144 6.06 2.98 14.81
C TRP B 144 7.55 3.24 14.90
N SER B 145 8.31 2.14 14.82
CA SER B 145 9.77 2.19 14.79
C SER B 145 10.08 1.36 13.55
N VAL B 146 10.56 2.02 12.50
CA VAL B 146 10.88 1.34 11.24
C VAL B 146 12.37 1.42 10.95
N ARG B 147 13.03 0.27 10.91
CA ARG B 147 14.47 0.22 10.64
C ARG B 147 14.68 0.81 9.24
N GLN B 148 15.75 1.59 9.08
CA GLN B 148 16.01 2.22 7.77
C GLN B 148 16.50 1.18 6.75
N THR B 149 16.97 0.04 7.25
CA THR B 149 17.45 -1.03 6.39
C THR B 149 16.77 -2.32 6.81
N LYS B 150 16.44 -3.16 5.86
CA LYS B 150 15.77 -4.41 6.17
C LYS B 150 16.74 -5.47 6.68
N ARG B 151 16.22 -6.39 7.49
CA ARG B 151 16.98 -7.50 8.04
C ARG B 151 15.98 -8.58 8.42
N THR B 152 16.44 -9.81 8.53
CA THR B 152 15.57 -10.92 8.87
C THR B 152 16.06 -11.71 10.07
N SER B 153 16.89 -11.08 10.88
CA SER B 153 17.41 -11.71 12.08
C SER B 153 18.10 -10.66 12.93
N GLY B 154 18.11 -10.88 14.23
CA GLY B 154 18.74 -9.92 15.10
C GLY B 154 18.03 -9.85 16.42
N THR B 155 18.41 -8.86 17.20
CA THR B 155 17.83 -8.64 18.50
C THR B 155 17.11 -7.31 18.45
N VAL B 156 15.91 -7.30 19.02
CA VAL B 156 15.09 -6.10 19.08
C VAL B 156 14.94 -5.71 20.56
N SER B 157 15.58 -4.61 20.95
CA SER B 157 15.50 -4.14 22.34
C SER B 157 14.19 -3.39 22.53
N VAL B 158 13.11 -4.15 22.55
CA VAL B 158 11.76 -3.63 22.71
C VAL B 158 11.59 -2.52 23.75
N SER B 159 12.06 -2.76 24.97
CA SER B 159 11.93 -1.76 26.02
C SER B 159 12.67 -0.46 25.70
N GLU B 160 13.79 -0.55 24.99
CA GLU B 160 14.51 0.66 24.64
C GLU B 160 13.65 1.48 23.68
N HIS B 161 12.91 0.81 22.80
CA HIS B 161 12.05 1.54 21.88
C HIS B 161 10.97 2.22 22.70
N PHE B 162 10.39 1.48 23.64
CA PHE B 162 9.34 2.02 24.49
C PHE B 162 9.85 3.30 25.16
N LYS B 163 11.00 3.21 25.81
CA LYS B 163 11.60 4.36 26.49
C LYS B 163 11.84 5.52 25.52
N LYS B 164 12.26 5.20 24.30
CA LYS B 164 12.52 6.22 23.30
C LYS B 164 11.19 6.87 22.89
N TRP B 165 10.15 6.05 22.73
CA TRP B 165 8.85 6.57 22.36
C TRP B 165 8.31 7.51 23.43
N GLU B 166 8.49 7.13 24.68
CA GLU B 166 8.01 7.96 25.77
C GLU B 166 8.74 9.29 25.80
N SER B 167 10.07 9.27 25.76
CA SER B 167 10.83 10.52 25.77
C SER B 167 10.44 11.44 24.62
N LEU B 168 9.70 10.92 23.66
CA LEU B 168 9.25 11.71 22.51
C LEU B 168 7.78 12.07 22.64
N GLY B 169 7.26 12.03 23.86
CA GLY B 169 5.86 12.37 24.09
C GLY B 169 4.89 11.31 23.61
N MET B 170 5.35 10.06 23.53
CA MET B 170 4.52 8.95 23.09
C MET B 170 4.37 7.96 24.25
N PRO B 171 3.46 8.27 25.19
CA PRO B 171 3.17 7.46 26.38
C PRO B 171 2.60 6.08 26.10
N MET B 172 2.94 5.15 26.98
CA MET B 172 2.51 3.75 26.89
C MET B 172 1.57 3.45 28.06
N GLY B 173 0.67 2.49 27.88
CA GLY B 173 -0.23 2.15 28.97
C GLY B 173 0.20 0.81 29.54
N LYS B 174 -0.72 0.08 30.15
CA LYS B 174 -0.37 -1.22 30.69
C LYS B 174 -0.16 -2.17 29.52
N MET B 175 0.79 -3.09 29.66
CA MET B 175 1.11 -4.03 28.59
C MET B 175 0.05 -5.09 28.34
N TYR B 176 -0.33 -5.24 27.07
CA TYR B 176 -1.31 -6.25 26.67
C TYR B 176 -0.58 -7.38 25.95
N GLU B 177 0.43 -7.02 25.16
CA GLU B 177 1.15 -8.03 24.41
C GLU B 177 2.40 -7.49 23.73
N THR B 178 3.32 -8.41 23.46
CA THR B 178 4.59 -8.15 22.78
C THR B 178 4.90 -9.45 22.05
N ALA B 179 4.99 -9.42 20.73
CA ALA B 179 5.29 -10.63 20.00
C ALA B 179 5.87 -10.42 18.60
N LEU B 180 6.85 -11.26 18.26
CA LEU B 180 7.45 -11.21 16.93
C LEU B 180 6.28 -11.51 16.04
N THR B 181 6.06 -10.68 15.03
CA THR B 181 4.92 -10.81 14.17
C THR B 181 5.14 -10.66 12.67
N VAL B 182 4.39 -11.46 11.92
CA VAL B 182 4.44 -11.38 10.47
C VAL B 182 3.01 -10.95 10.12
N GLU B 183 2.90 -9.81 9.44
CA GLU B 183 1.60 -9.27 9.07
C GLU B 183 1.49 -9.07 7.57
N GLY B 184 0.30 -9.31 7.04
CA GLY B 184 0.08 -9.13 5.62
C GLY B 184 -1.21 -8.40 5.36
N TYR B 185 -1.24 -7.66 4.26
CA TYR B 185 -2.43 -6.92 3.86
C TYR B 185 -2.59 -7.13 2.36
N GLN B 186 -3.59 -7.92 1.98
CA GLN B 186 -3.85 -8.23 0.56
C GLN B 186 -2.61 -8.72 -0.18
N SER B 187 -1.67 -9.30 0.56
CA SER B 187 -0.43 -9.80 -0.02
C SER B 187 -0.50 -11.32 -0.13
N ASN B 188 0.47 -11.91 -0.81
CA ASN B 188 0.54 -13.35 -0.97
C ASN B 188 1.96 -13.75 -0.62
N GLY B 189 2.17 -14.15 0.63
CA GLY B 189 3.51 -14.50 1.02
C GLY B 189 3.62 -15.63 2.01
N SER B 190 4.73 -15.62 2.74
CA SER B 190 5.01 -16.63 3.74
C SER B 190 6.23 -16.24 4.55
N ALA B 191 6.47 -16.97 5.63
CA ALA B 191 7.60 -16.70 6.50
C ALA B 191 7.86 -17.92 7.36
N ASN B 192 9.11 -18.09 7.76
CA ASN B 192 9.52 -19.21 8.59
C ASN B 192 10.39 -18.62 9.68
N VAL B 193 9.84 -18.52 10.88
CA VAL B 193 10.58 -17.98 12.00
C VAL B 193 11.19 -19.18 12.70
N THR B 194 12.48 -19.41 12.45
CA THR B 194 13.18 -20.55 13.04
C THR B 194 13.68 -20.30 14.45
N ALA B 195 13.88 -19.03 14.80
CA ALA B 195 14.32 -18.67 16.13
C ALA B 195 13.54 -17.43 16.56
N ASN B 196 13.00 -17.47 17.78
CA ASN B 196 12.20 -16.37 18.33
C ASN B 196 12.09 -16.52 19.84
N VAL B 197 12.96 -15.82 20.55
CA VAL B 197 12.97 -15.89 22.00
C VAL B 197 12.67 -14.56 22.63
N LEU B 198 11.65 -14.55 23.47
CA LEU B 198 11.25 -13.35 24.16
C LEU B 198 11.68 -13.45 25.63
N THR B 199 12.42 -12.44 26.08
CA THR B 199 12.88 -12.42 27.47
C THR B 199 12.25 -11.24 28.20
N ILE B 200 11.92 -11.50 29.46
CA ILE B 200 11.34 -10.49 30.33
C ILE B 200 12.26 -10.46 31.56
N GLY B 201 12.89 -9.32 31.79
CA GLY B 201 13.80 -9.24 32.91
C GLY B 201 14.95 -10.19 32.64
N GLY B 202 15.20 -10.44 31.35
CA GLY B 202 16.28 -11.33 30.97
C GLY B 202 15.92 -12.81 31.00
N LYS B 203 14.73 -13.12 31.51
CA LYS B 203 14.27 -14.50 31.60
C LYS B 203 13.44 -14.90 30.39
N PRO B 204 13.87 -15.94 29.67
CA PRO B 204 13.18 -16.42 28.47
C PRO B 204 11.81 -16.99 28.82
N LEU B 205 10.91 -16.94 27.84
CA LEU B 205 9.56 -17.46 28.02
C LEU B 205 9.61 -18.99 28.09
S SO4 C . 10.87 -19.07 2.31
O1 SO4 C . 9.95 -19.54 3.56
O2 SO4 C . 12.21 -19.47 2.67
O3 SO4 C . 10.46 -19.62 1.20
O4 SO4 C . 10.77 -17.64 2.36
#